data_5FXQ
#
_entry.id   5FXQ
#
_cell.length_a   40.932
_cell.length_b   66.798
_cell.length_c   121.479
_cell.angle_alpha   90.00
_cell.angle_beta   90.00
_cell.angle_gamma   90.00
#
_symmetry.space_group_name_H-M   'P 21 21 21'
#
loop_
_entity.id
_entity.type
_entity.pdbx_description
1 polymer 'INSULIN-LIKE GROWTH FACTOR 1 RECEPTOR'
2 non-polymer 5-chloranyl-4-imidazo[1,2-a]pyridin-3-yl-N-(5-methyl-1-piperidin-4-yl-pyrazol-4-yl)pyrimidin-2-amine
3 water water
#
_entity_poly.entity_id   1
_entity_poly.type   'polypeptide(L)'
_entity_poly.pdbx_seq_one_letter_code
;SYFSAADVYVPDEWEVAREKITMSRELGQGSFGMVYEGVAKGVVKDEPETRVAIKTVNEAASMRERIEFLNEASVMKEFN
CHHVVRLLGVVSQGQPTLVIMELMTRGDLKSYLRSLRPEMENNPVLAPPSLSKMIQMAGEIADGMAYLNANKFVHRDLAA
RNCMVAEDFTVKIGDFGMTRDIYETDYYRKGGKGLLPVRWMSPESLKDGVFTTYSDVWSFGVVLWEIATLAEQPYQGLSN
EQVLRFVMEGGLLDKPDNCPDMLFELMRMCWQYNPKMRPSFLEIISSIKEEMEPGFREVSFYYSEENK
;
_entity_poly.pdbx_strand_id   A
#
loop_
_chem_comp.id
_chem_comp.type
_chem_comp.name
_chem_comp.formula
GD5 non-polymer 5-chloranyl-4-imidazo[1,2-a]pyridin-3-yl-N-(5-methyl-1-piperidin-4-yl-pyrazol-4-yl)pyrimidin-2-amine 'C20 H21 Cl N8'
#
# COMPACT_ATOMS: atom_id res chain seq x y z
N SER A 1 -31.87 -27.28 -8.10
CA SER A 1 -32.10 -26.02 -8.87
C SER A 1 -31.22 -24.84 -8.41
N TYR A 2 -30.62 -24.94 -7.22
CA TYR A 2 -29.65 -23.90 -6.80
C TYR A 2 -28.72 -24.15 -5.62
N PHE A 3 -27.72 -23.29 -5.58
CA PHE A 3 -26.78 -23.13 -4.47
C PHE A 3 -27.10 -21.84 -3.72
N SER A 4 -27.17 -21.93 -2.40
CA SER A 4 -27.51 -20.76 -1.55
C SER A 4 -26.35 -19.79 -1.41
N ALA A 5 -26.71 -18.52 -1.40
CA ALA A 5 -25.73 -17.42 -1.53
C ALA A 5 -25.76 -16.39 -0.41
N ALA A 6 -25.62 -16.86 0.83
CA ALA A 6 -25.78 -16.00 2.02
C ALA A 6 -24.48 -15.68 2.77
N ASP A 7 -23.93 -14.51 2.45
CA ASP A 7 -22.69 -14.03 3.07
C ASP A 7 -22.80 -13.85 4.60
N VAL A 8 -21.73 -14.26 5.25
CA VAL A 8 -21.65 -14.33 6.69
C VAL A 8 -20.26 -13.98 7.23
N TYR A 9 -20.23 -13.48 8.45
CA TYR A 9 -18.96 -13.37 9.20
C TYR A 9 -18.88 -14.32 10.38
N VAL A 10 -17.75 -15.02 10.39
CA VAL A 10 -17.39 -16.02 11.40
C VAL A 10 -16.32 -15.58 12.39
N PRO A 11 -16.74 -15.24 13.63
CA PRO A 11 -15.75 -14.91 14.64
C PRO A 11 -14.66 -15.95 14.74
N ASP A 12 -13.45 -15.44 14.88
CA ASP A 12 -12.26 -16.27 15.00
C ASP A 12 -11.36 -15.75 16.08
N GLU A 13 -10.10 -16.17 15.96
CA GLU A 13 -9.12 -15.98 17.03
C GLU A 13 -8.57 -14.58 17.02
N TRP A 14 -9.09 -13.79 16.09
CA TRP A 14 -8.68 -12.39 15.97
C TRP A 14 -9.62 -11.51 16.76
N GLU A 15 -10.65 -12.16 17.28
CA GLU A 15 -11.65 -11.44 18.06
C GLU A 15 -11.02 -10.91 19.32
N VAL A 16 -11.32 -9.64 19.56
CA VAL A 16 -10.83 -8.90 20.72
C VAL A 16 -11.99 -8.25 21.47
N ALA A 17 -11.93 -8.40 22.79
CA ALA A 17 -12.90 -7.77 23.72
C ALA A 17 -12.93 -6.25 23.61
N ARG A 18 -14.13 -5.74 23.39
CA ARG A 18 -14.40 -4.31 23.16
C ARG A 18 -13.81 -3.44 24.24
N GLU A 19 -13.83 -3.96 25.45
CA GLU A 19 -13.43 -3.18 26.63
C GLU A 19 -11.94 -2.87 26.61
N LYS A 20 -11.26 -3.53 25.70
CA LYS A 20 -9.80 -3.41 25.62
C LYS A 20 -9.40 -2.33 24.67
N ILE A 21 -10.44 -1.72 24.09
CA ILE A 21 -10.28 -0.72 23.02
C ILE A 21 -10.79 0.66 23.41
N THR A 22 -9.97 1.66 23.15
CA THR A 22 -10.44 3.05 23.22
C THR A 22 -10.03 3.83 21.98
N MET A 23 -10.92 4.75 21.64
CA MET A 23 -10.84 5.59 20.45
C MET A 23 -10.76 7.06 20.80
N SER A 24 -9.82 7.74 20.15
CA SER A 24 -9.60 9.15 20.37
C SER A 24 -9.73 9.96 19.08
N ARG A 25 -8.57 10.33 18.53
CA ARG A 25 -8.50 11.16 17.32
C ARG A 25 -9.03 10.47 16.09
N GLU A 26 -9.82 11.26 15.38
CA GLU A 26 -10.47 10.92 14.10
C GLU A 26 -9.44 11.04 13.01
N LEU A 27 -9.27 9.99 12.24
CA LEU A 27 -8.21 9.97 11.21
C LEU A 27 -8.80 10.33 9.87
N GLY A 28 -10.05 9.97 9.75
CA GLY A 28 -10.80 10.19 8.54
C GLY A 28 -11.98 9.29 8.42
N GLN A 29 -12.36 9.11 7.17
CA GLN A 29 -13.58 8.41 6.83
C GLN A 29 -13.38 7.48 5.68
N GLY A 30 -13.64 6.21 5.96
CA GLY A 30 -13.67 5.15 4.95
C GLY A 30 -15.06 4.92 4.39
N SER A 31 -15.13 3.89 3.56
CA SER A 31 -16.32 3.59 2.76
C SER A 31 -17.49 3.09 3.61
N PHE A 32 -17.14 2.43 4.71
CA PHE A 32 -18.15 1.82 5.61
C PHE A 32 -18.35 2.62 6.87
N GLY A 33 -17.43 3.53 7.11
CA GLY A 33 -17.44 4.31 8.32
C GLY A 33 -16.18 5.04 8.67
N MET A 34 -16.31 5.75 9.76
CA MET A 34 -15.24 6.57 10.30
C MET A 34 -14.14 5.69 10.85
N VAL A 35 -12.95 6.26 10.76
CA VAL A 35 -11.73 5.61 11.24
C VAL A 35 -11.06 6.54 12.21
N TYR A 36 -10.68 5.94 13.30
CA TYR A 36 -10.03 6.64 14.36
C TYR A 36 -8.69 6.07 14.66
N GLU A 37 -7.99 6.88 15.40
CA GLU A 37 -6.85 6.44 16.15
C GLU A 37 -7.31 6.08 17.54
N GLY A 38 -6.50 5.28 18.19
CA GLY A 38 -6.75 4.95 19.59
C GLY A 38 -5.71 4.07 20.23
N VAL A 39 -6.18 3.29 21.18
CA VAL A 39 -5.34 2.44 22.02
C VAL A 39 -5.99 1.08 22.34
N ALA A 40 -5.21 0.03 22.11
CA ALA A 40 -5.66 -1.35 22.33
C ALA A 40 -4.77 -2.06 23.31
N LYS A 41 -5.42 -2.68 24.28
CA LYS A 41 -4.72 -3.49 25.27
C LYS A 41 -4.65 -4.93 24.81
N GLY A 42 -3.43 -5.44 24.93
CA GLY A 42 -3.14 -6.86 24.79
C GLY A 42 -3.18 -7.45 23.40
N VAL A 43 -2.69 -6.70 22.42
CA VAL A 43 -2.82 -7.13 21.00
C VAL A 43 -1.51 -7.27 20.29
N VAL A 44 -0.47 -6.78 20.94
CA VAL A 44 0.88 -6.99 20.46
C VAL A 44 1.58 -7.74 21.58
N LYS A 45 2.30 -8.77 21.20
CA LYS A 45 3.09 -9.59 22.12
C LYS A 45 3.98 -8.68 22.92
N ASP A 46 3.83 -8.81 24.23
CA ASP A 46 4.76 -8.24 25.19
C ASP A 46 4.56 -6.76 25.28
N GLU A 47 3.45 -6.36 24.68
CA GLU A 47 2.98 -4.96 24.72
C GLU A 47 1.67 -4.83 25.45
N PRO A 48 1.71 -4.33 26.69
CA PRO A 48 0.51 -4.19 27.47
C PRO A 48 -0.47 -3.31 26.72
N GLU A 49 0.13 -2.32 26.10
CA GLU A 49 -0.61 -1.29 25.33
C GLU A 49 0.01 -0.89 24.01
N THR A 50 -0.86 -0.77 23.04
CA THR A 50 -0.48 -0.43 21.66
C THR A 50 -1.41 0.60 21.03
N ARG A 51 -0.79 1.65 20.48
CA ARG A 51 -1.50 2.68 19.67
C ARG A 51 -1.88 2.11 18.34
N VAL A 52 -3.14 2.31 18.02
CA VAL A 52 -3.74 1.64 16.88
C VAL A 52 -4.67 2.53 16.09
N ALA A 53 -5.06 1.96 14.96
CA ALA A 53 -6.04 2.54 14.09
C ALA A 53 -7.27 1.68 14.14
N ILE A 54 -8.43 2.33 14.30
CA ILE A 54 -9.71 1.65 14.41
C ILE A 54 -10.65 2.14 13.35
N LYS A 55 -11.01 1.17 12.52
CA LYS A 55 -11.94 1.35 11.43
C LYS A 55 -13.23 0.82 11.94
N THR A 56 -14.24 1.67 11.83
CA THR A 56 -15.55 1.40 12.40
C THR A 56 -16.59 1.36 11.33
N VAL A 57 -17.71 0.83 11.73
CA VAL A 57 -18.97 0.88 10.96
C VAL A 57 -20.11 1.37 11.85
N GLU A 59 -23.89 2.02 13.73
CA GLU A 59 -25.07 1.23 14.04
C GLU A 59 -26.10 1.42 12.95
N ALA A 60 -25.88 2.46 12.15
CA ALA A 60 -26.87 2.85 11.12
C ALA A 60 -26.69 2.07 9.85
N ALA A 61 -25.51 1.47 9.71
CA ALA A 61 -25.19 0.65 8.53
C ALA A 61 -26.05 -0.61 8.51
N SER A 62 -26.22 -1.16 7.33
CA SER A 62 -26.94 -2.44 7.16
C SER A 62 -26.04 -3.58 7.59
N MET A 63 -26.69 -4.67 7.96
CA MET A 63 -25.97 -5.90 8.32
C MET A 63 -25.20 -6.46 7.14
N ARG A 64 -25.73 -6.23 5.95
CA ARG A 64 -25.10 -6.74 4.72
C ARG A 64 -23.75 -6.07 4.57
N GLU A 65 -23.79 -4.81 4.90
CA GLU A 65 -22.65 -3.91 4.76
C GLU A 65 -21.61 -4.24 5.79
N ARG A 66 -22.02 -4.37 7.05
CA ARG A 66 -21.05 -4.64 8.12
C ARG A 66 -20.43 -6.01 7.89
N ILE A 67 -21.18 -6.92 7.27
CA ILE A 67 -20.65 -8.28 6.99
C ILE A 67 -19.57 -8.16 5.90
N GLU A 68 -19.90 -7.37 4.89
CA GLU A 68 -19.02 -7.15 3.73
C GLU A 68 -17.69 -6.51 4.18
N PHE A 69 -17.83 -5.64 5.17
CA PHE A 69 -16.71 -4.85 5.68
C PHE A 69 -15.80 -5.74 6.49
N LEU A 70 -16.40 -6.69 7.19
CA LEU A 70 -15.64 -7.58 8.09
C LEU A 70 -14.78 -8.55 7.29
N ASN A 71 -15.40 -9.10 6.26
CA ASN A 71 -14.79 -10.14 5.45
C ASN A 71 -13.68 -9.56 4.59
N GLU A 72 -13.93 -8.36 4.09
CA GLU A 72 -12.95 -7.69 3.24
C GLU A 72 -11.71 -7.34 4.06
N ALA A 73 -11.98 -6.71 5.18
CA ALA A 73 -10.93 -6.25 6.09
C ALA A 73 -10.05 -7.42 6.54
N SER A 74 -10.71 -8.56 6.63
CA SER A 74 -10.11 -9.78 7.17
C SER A 74 -9.07 -10.36 6.24
N VAL A 75 -9.06 -9.86 5.01
CA VAL A 75 -8.09 -10.33 4.02
C VAL A 75 -6.69 -10.16 4.59
N MET A 76 -6.55 -9.12 5.40
CA MET A 76 -5.23 -8.66 5.90
C MET A 76 -4.69 -9.62 6.93
N LYS A 77 -5.54 -10.56 7.31
CA LYS A 77 -5.20 -11.52 8.37
C LYS A 77 -4.14 -12.48 7.87
N GLU A 78 -4.01 -12.54 6.55
CA GLU A 78 -3.13 -13.56 5.97
C GLU A 78 -1.69 -13.15 6.03
N PHE A 79 -1.49 -11.91 6.43
CA PHE A 79 -0.19 -11.28 6.35
C PHE A 79 0.47 -11.00 7.67
N ASN A 80 1.70 -11.45 7.73
CA ASN A 80 2.59 -11.19 8.86
C ASN A 80 3.98 -10.81 8.41
N CYS A 81 4.10 -9.53 8.10
CA CYS A 81 5.33 -8.96 7.58
C CYS A 81 5.59 -7.54 8.05
N HIS A 82 6.83 -7.30 8.38
CA HIS A 82 7.24 -5.99 8.88
C HIS A 82 6.85 -4.89 7.89
N HIS A 83 6.80 -5.24 6.61
CA HIS A 83 6.60 -4.19 5.55
C HIS A 83 5.21 -4.19 4.93
N VAL A 84 4.30 -4.75 5.71
CA VAL A 84 2.88 -4.73 5.40
C VAL A 84 2.08 -4.41 6.64
N VAL A 85 1.21 -3.44 6.49
CA VAL A 85 0.37 -2.96 7.58
C VAL A 85 -0.44 -4.13 8.12
N ARG A 86 -0.32 -4.30 9.44
CA ARG A 86 -0.90 -5.42 10.17
C ARG A 86 -2.29 -5.16 10.67
N LEU A 87 -3.08 -6.23 10.63
CA LEU A 87 -4.36 -6.31 11.32
C LEU A 87 -4.10 -6.95 12.66
N LEU A 88 -4.63 -6.31 13.70
CA LEU A 88 -4.33 -6.69 15.09
C LEU A 88 -5.52 -7.30 15.81
N GLY A 89 -6.70 -6.99 15.29
CA GLY A 89 -7.91 -7.53 15.89
C GLY A 89 -9.20 -7.11 15.25
N VAL A 90 -10.23 -7.81 15.70
CA VAL A 90 -11.60 -7.48 15.32
C VAL A 90 -12.53 -7.49 16.52
N VAL A 91 -13.44 -6.55 16.50
CA VAL A 91 -14.58 -6.53 17.44
C VAL A 91 -15.85 -6.64 16.61
N SER A 92 -16.29 -7.87 16.43
CA SER A 92 -17.43 -8.14 15.58
C SER A 92 -18.68 -8.27 16.43
N GLN A 93 -18.45 -8.46 17.73
CA GLN A 93 -19.51 -8.73 18.70
C GLN A 93 -20.00 -7.42 19.25
N GLY A 94 -21.25 -7.16 18.96
CA GLY A 94 -21.87 -5.90 19.33
C GLY A 94 -21.52 -4.83 18.34
N GLN A 95 -22.02 -3.66 18.66
CA GLN A 95 -21.80 -2.49 17.83
C GLN A 95 -21.24 -1.34 18.64
N PRO A 96 -20.50 -0.46 17.97
CA PRO A 96 -20.20 -0.63 16.55
C PRO A 96 -19.11 -1.61 16.25
N THR A 97 -19.22 -2.18 15.07
CA THR A 97 -18.19 -3.04 14.47
C THR A 97 -16.83 -2.34 14.38
N LEU A 98 -15.83 -3.02 14.92
CA LEU A 98 -14.44 -2.52 14.88
C LEU A 98 -13.45 -3.50 14.25
N VAL A 99 -12.56 -2.92 13.48
CA VAL A 99 -11.35 -3.60 13.01
C VAL A 99 -10.15 -2.79 13.44
N ILE A 100 -9.29 -3.48 14.17
CA ILE A 100 -8.13 -2.88 14.80
C ILE A 100 -6.93 -3.17 13.93
N MET A 101 -6.33 -2.09 13.49
CA MET A 101 -5.17 -2.12 12.60
C MET A 101 -3.97 -1.49 13.25
N GLU A 102 -2.82 -1.88 12.73
CA GLU A 102 -1.56 -1.16 13.00
C GLU A 102 -1.70 0.31 12.58
N LEU A 103 -1.36 1.19 13.50
CA LEU A 103 -1.35 2.64 13.26
C LEU A 103 -0.14 3.06 12.48
N MET A 104 -0.42 3.81 11.42
CA MET A 104 0.61 4.46 10.57
C MET A 104 0.43 5.98 10.65
N THR A 105 1.13 6.57 11.59
CA THR A 105 0.88 7.94 12.01
C THR A 105 1.12 8.95 10.93
N ARG A 106 1.91 8.62 9.94
CA ARG A 106 2.23 9.62 8.91
C ARG A 106 1.42 9.41 7.65
N GLY A 107 0.43 8.55 7.79
CA GLY A 107 -0.55 8.30 6.74
C GLY A 107 -0.06 7.57 5.52
N ASP A 108 -0.78 7.79 4.42
CA ASP A 108 -0.45 7.16 3.14
C ASP A 108 0.70 7.91 2.51
N LEU A 109 1.49 7.16 1.76
CA LEU A 109 2.74 7.64 1.16
C LEU A 109 2.49 8.80 0.21
N LYS A 110 1.35 8.79 -0.48
CA LYS A 110 1.09 9.89 -1.45
C LYS A 110 0.97 11.20 -0.70
N SER A 111 0.14 11.15 0.31
CA SER A 111 -0.04 12.27 1.21
C SER A 111 1.26 12.68 1.89
N TYR A 112 2.04 11.69 2.33
CA TYR A 112 3.29 12.01 3.00
C TYR A 112 4.22 12.76 2.05
N LEU A 113 4.35 12.20 0.86
CA LEU A 113 5.25 12.76 -0.16
C LEU A 113 4.80 14.19 -0.46
N ARG A 114 3.51 14.37 -0.47
CA ARG A 114 2.93 15.68 -0.82
C ARG A 114 3.22 16.73 0.25
N SER A 115 3.34 16.25 1.47
CA SER A 115 3.62 17.10 2.64
C SER A 115 5.06 17.58 2.67
N LEU A 116 5.88 17.03 1.79
CA LEU A 116 7.32 17.32 1.77
C LEU A 116 7.61 18.46 0.79
N ARG A 117 6.55 18.79 0.06
CA ARG A 117 6.58 19.87 -0.95
C ARG A 117 6.73 21.21 -0.24
N PRO A 118 7.57 22.10 -0.78
CA PRO A 118 7.72 23.37 -0.10
C PRO A 118 6.45 24.17 -0.16
N GLU A 119 6.05 24.66 0.99
CA GLU A 119 4.97 25.64 1.06
C GLU A 119 5.37 26.88 0.28
N MET A 120 4.35 27.67 -0.01
CA MET A 120 4.53 28.81 -0.88
C MET A 120 4.56 30.09 -0.04
N ASN A 123 9.14 30.42 3.97
CA ASN A 123 9.70 29.82 5.15
C ASN A 123 10.80 28.82 4.82
N PRO A 124 11.67 28.57 5.79
CA PRO A 124 12.63 27.50 5.63
C PRO A 124 11.94 26.16 5.53
N VAL A 125 12.53 25.32 4.70
CA VAL A 125 11.99 24.00 4.39
C VAL A 125 13.08 22.94 4.33
N LEU A 126 12.70 21.73 4.74
CA LEU A 126 13.57 20.54 4.54
C LEU A 126 13.84 20.31 3.06
N ALA A 127 15.11 20.05 2.76
CA ALA A 127 15.52 19.65 1.41
C ALA A 127 14.78 18.38 1.00
N PRO A 128 14.58 18.18 -0.32
CA PRO A 128 13.87 16.98 -0.77
C PRO A 128 14.64 15.75 -0.34
N PRO A 129 13.93 14.65 -0.14
CA PRO A 129 14.57 13.44 0.38
C PRO A 129 15.74 13.03 -0.46
N SER A 130 16.73 12.56 0.25
CA SER A 130 17.96 12.06 -0.34
C SER A 130 17.77 10.75 -1.08
N LEU A 131 18.81 10.44 -1.81
CA LEU A 131 18.95 9.18 -2.55
C LEU A 131 18.75 8.05 -1.58
N SER A 132 19.49 8.21 -0.50
CA SER A 132 19.55 7.20 0.54
C SER A 132 18.17 6.96 1.16
N LYS A 133 17.47 8.03 1.42
CA LYS A 133 16.14 7.94 2.05
C LYS A 133 15.16 7.27 1.11
N MET A 134 15.32 7.64 -0.16
CA MET A 134 14.42 7.22 -1.22
C MET A 134 14.59 5.74 -1.46
N ILE A 135 15.84 5.35 -1.40
CA ILE A 135 16.25 3.98 -1.64
C ILE A 135 15.76 3.12 -0.49
N GLN A 136 15.86 3.67 0.71
CA GLN A 136 15.38 2.94 1.90
C GLN A 136 13.90 2.66 1.67
N MET A 137 13.19 3.65 1.15
CA MET A 137 11.75 3.52 0.95
C MET A 137 11.45 2.44 -0.08
N ALA A 138 12.23 2.50 -1.14
CA ALA A 138 12.08 1.59 -2.31
C ALA A 138 12.22 0.15 -1.86
N GLY A 139 13.09 -0.04 -0.89
CA GLY A 139 13.49 -1.39 -0.46
C GLY A 139 12.49 -2.02 0.50
N GLU A 140 11.85 -1.15 1.26
CA GLU A 140 10.82 -1.54 2.21
C GLU A 140 9.59 -1.94 1.37
N ILE A 141 9.27 -1.08 0.43
CA ILE A 141 8.12 -1.32 -0.42
C ILE A 141 8.33 -2.67 -1.13
N ALA A 142 9.53 -2.84 -1.68
CA ALA A 142 9.86 -4.02 -2.48
C ALA A 142 9.85 -5.28 -1.62
N ASP A 143 10.29 -5.13 -0.38
CA ASP A 143 10.30 -6.26 0.57
C ASP A 143 8.88 -6.74 0.82
N GLY A 144 8.03 -5.76 1.15
CA GLY A 144 6.58 -5.97 1.29
C GLY A 144 5.90 -6.68 0.12
N MET A 145 6.28 -6.27 -1.09
CA MET A 145 5.73 -6.85 -2.33
C MET A 145 6.24 -8.29 -2.60
N ALA A 146 7.50 -8.48 -2.25
CA ALA A 146 8.15 -9.79 -2.35
C ALA A 146 7.42 -10.79 -1.45
N TYR A 147 7.03 -10.28 -0.29
CA TYR A 147 6.33 -11.10 0.70
C TYR A 147 4.99 -11.52 0.13
N LEU A 148 4.28 -10.52 -0.35
CA LEU A 148 2.98 -10.76 -0.97
C LEU A 148 3.08 -11.76 -2.11
N ASN A 149 4.10 -11.60 -2.95
CA ASN A 149 4.29 -12.48 -4.11
C ASN A 149 4.55 -13.89 -3.66
N ALA A 150 5.36 -14.00 -2.62
CA ALA A 150 5.71 -15.29 -2.05
C ALA A 150 4.45 -15.95 -1.51
N ASN A 151 3.46 -15.10 -1.27
CA ASN A 151 2.20 -15.55 -0.67
C ASN A 151 1.13 -15.69 -1.74
N LYS A 152 1.63 -15.69 -2.97
CA LYS A 152 0.85 -16.02 -4.19
C LYS A 152 -0.10 -14.94 -4.62
N PHE A 153 0.09 -13.79 -3.98
CA PHE A 153 -0.68 -12.57 -4.22
C PHE A 153 -0.15 -11.67 -5.32
N VAL A 154 -1.10 -11.16 -6.08
CA VAL A 154 -0.87 -10.08 -7.02
C VAL A 154 -1.70 -8.89 -6.50
N HIS A 155 -1.04 -7.74 -6.38
CA HIS A 155 -1.60 -6.56 -5.68
C HIS A 155 -2.61 -5.85 -6.54
N ARG A 156 -2.12 -5.53 -7.71
CA ARG A 156 -2.89 -4.92 -8.82
C ARG A 156 -3.16 -3.43 -8.66
N ASP A 157 -2.87 -2.90 -7.48
CA ASP A 157 -3.04 -1.44 -7.29
C ASP A 157 -1.89 -0.86 -6.48
N LEU A 158 -0.69 -1.26 -6.84
CA LEU A 158 0.50 -0.72 -6.16
C LEU A 158 0.74 0.70 -6.67
N ALA A 159 0.70 1.60 -5.70
CA ALA A 159 0.93 3.04 -5.89
C ALA A 159 1.25 3.67 -4.53
N ALA A 160 1.68 4.91 -4.57
CA ALA A 160 2.10 5.58 -3.33
C ALA A 160 0.90 5.70 -2.37
N ARG A 161 -0.25 5.96 -2.96
CA ARG A 161 -1.47 6.10 -2.14
C ARG A 161 -1.80 4.82 -1.35
N ASN A 162 -1.21 3.71 -1.79
CA ASN A 162 -1.57 2.37 -1.28
C ASN A 162 -0.44 1.77 -0.43
N CYS A 163 0.52 2.64 -0.19
CA CYS A 163 1.55 2.48 0.87
C CYS A 163 1.25 3.44 2.01
N MET A 164 1.71 3.05 3.19
CA MET A 164 1.64 3.93 4.33
C MET A 164 2.99 4.11 4.97
N VAL A 165 2.96 5.07 5.87
CA VAL A 165 4.15 5.58 6.53
C VAL A 165 3.98 5.64 8.05
N ALA A 166 4.88 4.95 8.71
CA ALA A 166 4.96 4.90 10.17
C ALA A 166 5.66 6.09 10.80
N GLU A 167 5.54 6.12 12.10
CA GLU A 167 6.13 7.20 12.93
C GLU A 167 7.60 7.31 12.69
N ASP A 168 8.24 6.16 12.55
CA ASP A 168 9.70 6.09 12.38
C ASP A 168 10.07 6.15 10.93
N PHE A 169 9.08 6.42 10.11
CA PHE A 169 9.25 6.74 8.69
C PHE A 169 9.31 5.49 7.80
N THR A 170 9.23 4.33 8.42
CA THR A 170 9.13 3.08 7.68
C THR A 170 7.90 3.05 6.76
N VAL A 171 8.16 2.66 5.53
CA VAL A 171 7.12 2.52 4.51
C VAL A 171 6.68 1.06 4.43
N LYS A 172 5.37 0.89 4.41
CA LYS A 172 4.74 -0.43 4.31
C LYS A 172 3.61 -0.45 3.30
N ILE A 173 3.38 -1.65 2.80
CA ILE A 173 2.29 -1.91 1.89
C ILE A 173 1.07 -1.69 2.75
N GLY A 174 0.24 -0.80 2.25
CA GLY A 174 -0.90 -0.29 2.99
C GLY A 174 -2.03 -1.27 3.09
N ASP A 175 -2.85 -0.96 4.07
CA ASP A 175 -4.17 -1.59 4.29
C ASP A 175 -4.89 -1.55 2.96
N PHE A 176 -5.35 -2.69 2.52
CA PHE A 176 -5.95 -2.78 1.19
C PHE A 176 -7.19 -1.90 1.04
N GLY A 177 -7.11 -1.04 0.05
CA GLY A 177 -8.29 -0.35 -0.49
C GLY A 177 -8.73 0.95 0.17
N MET A 178 -7.79 1.62 0.79
CA MET A 178 -8.20 2.75 1.61
C MET A 178 -8.17 4.11 0.93
N THR A 179 -7.45 4.23 -0.16
CA THR A 179 -7.28 5.56 -0.82
C THR A 179 -7.91 5.66 -2.19
N ARG A 180 -8.41 4.52 -2.63
CA ARG A 180 -9.02 4.36 -3.95
C ARG A 180 -10.16 5.35 -4.19
N ASP A 181 -10.92 5.66 -3.16
CA ASP A 181 -12.07 6.54 -3.34
C ASP A 181 -11.73 7.98 -2.98
N ILE A 182 -10.56 8.12 -2.36
CA ILE A 182 -10.08 9.40 -1.87
C ILE A 182 -9.31 10.12 -2.95
N TYR A 183 -8.36 9.39 -3.49
CA TYR A 183 -7.59 9.83 -4.65
C TYR A 183 -8.24 9.29 -5.91
N GLU A 184 -9.45 9.76 -6.13
CA GLU A 184 -10.37 9.07 -7.05
C GLU A 184 -9.98 9.30 -8.49
N THR A 185 -9.44 10.49 -8.74
CA THR A 185 -8.96 10.86 -10.11
C THR A 185 -7.69 10.10 -10.53
N ASP A 186 -7.14 9.35 -9.59
CA ASP A 186 -6.05 8.41 -9.91
C ASP A 186 -6.59 7.14 -10.60
N TYR A 187 -7.91 7.14 -10.78
CA TYR A 187 -8.63 6.04 -11.44
C TYR A 187 -9.49 6.46 -12.60
N TYR A 188 -9.79 5.45 -13.40
CA TYR A 188 -10.51 5.61 -14.68
C TYR A 188 -11.32 4.40 -15.08
N ARG A 189 -12.62 4.64 -15.14
CA ARG A 189 -13.56 3.61 -15.59
C ARG A 189 -13.63 3.59 -17.10
N LYS A 190 -13.08 2.52 -17.63
CA LYS A 190 -12.86 2.36 -19.06
C LYS A 190 -13.63 1.13 -19.60
N GLY A 194 -14.81 -1.42 -14.76
CA GLY A 194 -14.03 -1.29 -13.54
C GLY A 194 -13.13 -0.07 -13.51
N LEU A 195 -13.09 0.53 -12.34
CA LEU A 195 -12.21 1.68 -12.02
C LEU A 195 -10.79 1.17 -11.98
N LEU A 196 -9.96 1.63 -12.90
CA LEU A 196 -8.58 1.15 -12.92
C LEU A 196 -7.59 2.30 -12.84
N PRO A 197 -6.44 2.05 -12.16
CA PRO A 197 -5.35 2.98 -11.97
C PRO A 197 -4.44 3.01 -13.15
N VAL A 198 -5.02 3.53 -14.21
CA VAL A 198 -4.41 3.49 -15.53
C VAL A 198 -3.01 4.03 -15.62
N ARG A 199 -2.73 5.02 -14.79
CA ARG A 199 -1.42 5.71 -14.81
C ARG A 199 -0.34 4.87 -14.14
N TRP A 200 -0.81 3.82 -13.49
CA TRP A 200 0.10 2.93 -12.75
C TRP A 200 0.23 1.59 -13.43
N MET A 201 -0.49 1.42 -14.53
CA MET A 201 -0.65 0.11 -15.16
C MET A 201 0.32 -0.22 -16.28
N SER A 202 0.68 -1.48 -16.33
CA SER A 202 1.59 -2.01 -17.38
C SER A 202 0.93 -1.98 -18.76
N PRO A 203 1.75 -2.03 -19.82
CA PRO A 203 1.15 -2.07 -21.16
C PRO A 203 0.27 -3.30 -21.35
N GLU A 204 0.79 -4.43 -20.94
CA GLU A 204 0.08 -5.70 -21.11
C GLU A 204 -1.26 -5.67 -20.37
N SER A 205 -1.30 -4.98 -19.22
CA SER A 205 -2.52 -4.90 -18.41
C SER A 205 -3.53 -3.95 -19.06
N LEU A 206 -2.98 -2.97 -19.74
CA LEU A 206 -3.79 -2.00 -20.49
C LEU A 206 -4.39 -2.72 -21.68
N LYS A 207 -3.75 -3.79 -22.09
CA LYS A 207 -4.17 -4.51 -23.29
C LYS A 207 -5.25 -5.54 -22.98
N ASP A 208 -4.98 -6.38 -21.99
CA ASP A 208 -5.88 -7.53 -21.73
C ASP A 208 -6.44 -7.57 -20.33
N GLY A 209 -6.11 -6.58 -19.53
CA GLY A 209 -6.73 -6.43 -18.20
C GLY A 209 -6.31 -7.48 -17.18
N VAL A 210 -5.26 -8.21 -17.55
CA VAL A 210 -4.61 -9.12 -16.62
C VAL A 210 -3.39 -8.53 -15.91
N PHE A 211 -3.32 -8.89 -14.64
CA PHE A 211 -2.26 -8.44 -13.73
C PHE A 211 -1.46 -9.59 -13.19
N THR A 212 -0.17 -9.34 -13.11
CA THR A 212 0.78 -10.30 -12.54
C THR A 212 1.75 -9.63 -11.58
N THR A 213 2.65 -10.43 -11.05
CA THR A 213 3.69 -9.88 -10.20
C THR A 213 4.57 -8.96 -11.06
N TYR A 214 4.67 -9.29 -12.34
CA TYR A 214 5.55 -8.56 -13.24
C TYR A 214 5.00 -7.17 -13.49
N SER A 215 3.67 -7.07 -13.51
CA SER A 215 3.00 -5.77 -13.69
C SER A 215 2.92 -4.99 -12.37
N ASP A 216 3.00 -5.72 -11.26
CA ASP A 216 3.18 -5.09 -9.95
C ASP A 216 4.57 -4.37 -9.94
N VAL A 217 5.53 -4.98 -10.60
CA VAL A 217 6.89 -4.41 -10.68
C VAL A 217 6.85 -3.14 -11.50
N TRP A 218 6.03 -3.17 -12.54
CA TRP A 218 5.89 -1.99 -13.38
C TRP A 218 5.48 -0.85 -12.50
N SER A 219 4.44 -1.14 -11.75
CA SER A 219 3.81 -0.16 -10.86
C SER A 219 4.79 0.34 -9.81
N PHE A 220 5.61 -0.57 -9.33
CA PHE A 220 6.70 -0.25 -8.38
C PHE A 220 7.55 0.89 -8.92
N GLY A 221 7.83 0.78 -10.22
CA GLY A 221 8.62 1.76 -10.95
C GLY A 221 7.98 3.13 -10.85
N VAL A 222 6.67 3.12 -11.08
CA VAL A 222 5.84 4.32 -11.03
C VAL A 222 5.85 4.93 -9.62
N VAL A 223 5.88 4.09 -8.60
CA VAL A 223 5.91 4.56 -7.18
C VAL A 223 7.24 5.27 -6.91
N LEU A 224 8.29 4.73 -7.50
CA LEU A 224 9.63 5.32 -7.35
C LEU A 224 9.63 6.68 -7.97
N TRP A 225 8.92 6.76 -9.09
CA TRP A 225 8.80 8.02 -9.86
C TRP A 225 8.05 9.04 -9.00
N GLU A 226 7.09 8.53 -8.26
CA GLU A 226 6.26 9.33 -7.33
C GLU A 226 7.12 9.90 -6.22
N ILE A 227 8.01 9.05 -5.75
CA ILE A 227 8.90 9.44 -4.66
C ILE A 227 9.76 10.61 -5.13
N ALA A 228 10.24 10.50 -6.34
CA ALA A 228 11.24 11.41 -6.91
C ALA A 228 10.61 12.72 -7.33
N THR A 229 9.29 12.71 -7.50
CA THR A 229 8.55 13.90 -7.93
C THR A 229 7.72 14.49 -6.81
N LEU A 230 7.77 13.84 -5.66
CA LEU A 230 6.89 14.16 -4.52
C LEU A 230 5.43 14.05 -4.93
N ALA A 231 5.17 12.97 -5.62
CA ALA A 231 3.80 12.52 -5.92
C ALA A 231 3.07 13.47 -6.86
N GLU A 232 3.71 13.76 -7.97
CA GLU A 232 2.99 14.28 -9.11
C GLU A 232 2.14 13.18 -9.76
N GLN A 233 1.24 13.63 -10.60
CA GLN A 233 0.36 12.75 -11.36
C GLN A 233 1.15 12.26 -12.53
N PRO A 234 1.32 10.96 -12.68
CA PRO A 234 2.06 10.53 -13.86
C PRO A 234 1.33 10.88 -15.14
N TYR A 235 2.12 11.21 -16.13
CA TYR A 235 1.62 11.59 -17.46
C TYR A 235 0.66 12.74 -17.30
N GLN A 236 1.07 13.64 -16.42
CA GLN A 236 0.27 14.84 -16.01
C GLN A 236 -0.33 15.63 -17.17
N GLY A 237 0.33 15.63 -18.30
CA GLY A 237 -0.18 16.42 -19.43
C GLY A 237 -1.23 15.72 -20.27
N LEU A 238 -1.38 14.43 -20.01
CA LEU A 238 -2.22 13.55 -20.81
C LEU A 238 -3.55 13.17 -20.18
N SER A 239 -4.55 13.07 -21.04
CA SER A 239 -5.84 12.44 -20.66
C SER A 239 -5.66 10.96 -20.34
N ASN A 240 -6.69 10.44 -19.69
CA ASN A 240 -6.80 9.03 -19.32
C ASN A 240 -6.69 8.17 -20.56
N GLU A 241 -7.32 8.66 -21.62
CA GLU A 241 -7.34 7.93 -22.90
C GLU A 241 -6.00 7.94 -23.59
N GLN A 242 -5.32 9.07 -23.44
CA GLN A 242 -4.00 9.29 -24.10
C GLN A 242 -2.91 8.50 -23.40
N VAL A 243 -3.15 8.22 -22.13
CA VAL A 243 -2.18 7.42 -21.33
C VAL A 243 -2.20 5.97 -21.85
N LEU A 244 -3.39 5.48 -22.08
CA LEU A 244 -3.56 4.09 -22.58
C LEU A 244 -2.72 3.86 -23.80
N ARG A 245 -2.70 4.85 -24.66
CA ARG A 245 -2.09 4.71 -25.96
C ARG A 245 -0.59 4.83 -25.87
N PHE A 246 -0.21 5.89 -25.18
CA PHE A 246 1.20 6.25 -24.98
C PHE A 246 1.92 5.05 -24.44
N VAL A 247 1.32 4.50 -23.40
CA VAL A 247 2.01 3.48 -22.60
C VAL A 247 1.97 2.19 -23.37
N MET A 248 0.81 1.91 -23.95
CA MET A 248 0.64 0.68 -24.75
C MET A 248 1.56 0.71 -25.97
N GLU A 249 2.00 1.91 -26.31
CA GLU A 249 2.80 2.12 -27.53
C GLU A 249 4.26 2.30 -27.23
N GLY A 250 4.61 2.01 -25.99
CA GLY A 250 6.03 1.95 -25.58
C GLY A 250 6.55 3.23 -24.96
N GLY A 251 5.64 4.18 -24.80
CA GLY A 251 5.91 5.46 -24.11
C GLY A 251 6.27 5.28 -22.65
N LEU A 252 7.13 6.17 -22.18
CA LEU A 252 7.68 6.15 -20.82
C LEU A 252 7.68 7.50 -20.11
N LEU A 253 7.59 7.38 -18.79
CA LEU A 253 7.68 8.54 -17.90
C LEU A 253 9.09 9.10 -17.98
N ASP A 254 9.15 10.41 -17.82
CA ASP A 254 10.42 11.14 -17.91
C ASP A 254 11.18 11.09 -16.60
N LYS A 255 12.49 11.09 -16.75
CA LYS A 255 13.40 11.25 -15.62
C LYS A 255 13.05 12.56 -14.90
N PRO A 256 12.64 12.46 -13.62
CA PRO A 256 12.34 13.69 -12.92
C PRO A 256 13.59 14.52 -12.70
N ASP A 257 13.36 15.82 -12.75
CA ASP A 257 14.39 16.79 -12.40
C ASP A 257 15.08 16.34 -11.14
N ASN A 258 16.39 16.41 -11.19
CA ASN A 258 17.25 16.17 -10.04
C ASN A 258 17.22 14.74 -9.53
N CYS A 259 16.42 13.92 -10.18
CA CYS A 259 16.36 12.52 -9.79
C CYS A 259 17.76 11.93 -9.96
N PRO A 260 18.29 11.30 -8.90
CA PRO A 260 19.55 10.57 -9.00
C PRO A 260 19.46 9.44 -10.01
N ASP A 261 20.53 9.38 -10.76
CA ASP A 261 20.69 8.48 -11.91
C ASP A 261 20.25 7.09 -11.58
N MET A 262 20.74 6.66 -10.44
CA MET A 262 20.56 5.28 -10.01
C MET A 262 19.09 4.93 -9.87
N LEU A 263 18.33 5.91 -9.39
CA LEU A 263 16.91 5.66 -9.08
C LEU A 263 16.14 5.56 -10.39
N PHE A 264 16.51 6.44 -11.32
CA PHE A 264 15.88 6.42 -12.63
C PHE A 264 16.23 5.14 -13.37
N GLU A 265 17.42 4.62 -13.12
CA GLU A 265 17.83 3.34 -13.73
C GLU A 265 16.90 2.23 -13.25
N LEU A 266 16.55 2.34 -11.97
CA LEU A 266 15.70 1.35 -11.32
C LEU A 266 14.33 1.35 -11.98
N MET A 267 13.82 2.55 -12.14
CA MET A 267 12.54 2.76 -12.82
C MET A 267 12.54 2.08 -14.16
N ARG A 268 13.69 2.21 -14.81
CA ARG A 268 13.89 1.73 -16.19
C ARG A 268 13.87 0.23 -16.34
N MET A 269 14.38 -0.45 -15.35
CA MET A 269 14.36 -1.91 -15.32
C MET A 269 12.92 -2.39 -15.15
N CYS A 270 12.15 -1.59 -14.43
CA CYS A 270 10.76 -1.94 -14.07
C CYS A 270 9.83 -1.71 -15.24
N TRP A 271 10.22 -0.78 -16.09
CA TRP A 271 9.33 -0.30 -17.15
C TRP A 271 9.65 -0.90 -18.50
N GLN A 272 10.46 -1.94 -18.46
CA GLN A 272 10.68 -2.74 -19.66
C GLN A 272 9.36 -3.29 -20.22
N TYR A 273 9.29 -3.22 -21.53
CA TYR A 273 8.03 -3.52 -22.24
C TYR A 273 7.61 -4.95 -22.05
N ASN A 274 8.60 -5.80 -22.26
CA ASN A 274 8.44 -7.23 -22.07
C ASN A 274 8.53 -7.57 -20.58
N PRO A 275 7.40 -7.97 -19.99
CA PRO A 275 7.32 -8.23 -18.55
C PRO A 275 8.35 -9.22 -18.07
N LYS A 276 8.77 -10.05 -19.02
CA LYS A 276 9.66 -11.21 -18.76
C LYS A 276 11.09 -10.74 -18.54
N MET A 277 11.33 -9.49 -18.89
CA MET A 277 12.64 -8.91 -18.74
C MET A 277 12.79 -7.99 -17.52
N ARG A 278 11.66 -7.71 -16.90
CA ARG A 278 11.64 -6.93 -15.65
C ARG A 278 12.25 -7.73 -14.53
N PRO A 279 12.86 -7.05 -13.55
CA PRO A 279 13.34 -7.76 -12.38
C PRO A 279 12.18 -8.16 -11.50
N SER A 280 12.41 -9.19 -10.71
CA SER A 280 11.54 -9.54 -9.60
C SER A 280 11.81 -8.62 -8.44
N PHE A 281 10.86 -8.63 -7.52
CA PHE A 281 10.97 -7.80 -6.30
C PHE A 281 12.18 -8.22 -5.51
N LEU A 282 12.44 -9.52 -5.54
CA LEU A 282 13.59 -10.11 -4.81
C LEU A 282 14.88 -9.61 -5.43
N GLU A 283 14.85 -9.56 -6.75
CA GLU A 283 16.01 -9.17 -7.53
C GLU A 283 16.25 -7.70 -7.33
N ILE A 284 15.17 -6.97 -7.16
CA ILE A 284 15.22 -5.52 -6.96
C ILE A 284 15.94 -5.24 -5.63
N ILE A 285 15.55 -6.00 -4.62
CA ILE A 285 16.10 -5.84 -3.26
C ILE A 285 17.56 -6.25 -3.22
N SER A 286 17.88 -7.27 -3.98
CA SER A 286 19.26 -7.77 -4.01
C SER A 286 20.20 -6.70 -4.57
N SER A 287 19.70 -5.97 -5.55
CA SER A 287 20.48 -4.93 -6.22
C SER A 287 20.76 -3.73 -5.34
N ILE A 288 19.94 -3.53 -4.32
CA ILE A 288 20.10 -2.35 -3.43
C ILE A 288 20.31 -2.64 -1.98
N LYS A 289 20.50 -3.90 -1.67
CA LYS A 289 20.53 -4.31 -0.26
C LYS A 289 21.64 -3.65 0.54
N GLU A 290 22.71 -3.33 -0.16
CA GLU A 290 23.89 -2.76 0.51
C GLU A 290 23.59 -1.33 0.94
N GLU A 291 22.58 -0.77 0.31
CA GLU A 291 22.22 0.65 0.51
C GLU A 291 21.22 0.80 1.63
N MET A 292 20.81 -0.34 2.17
CA MET A 292 19.74 -0.40 3.16
C MET A 292 20.28 -0.24 4.57
N GLU A 293 19.48 0.44 5.37
CA GLU A 293 19.73 0.63 6.80
C GLU A 293 19.97 -0.74 7.46
N PRO A 294 20.88 -0.77 8.45
CA PRO A 294 21.45 -2.00 9.01
C PRO A 294 20.40 -3.03 9.33
N GLY A 295 19.41 -2.52 10.03
CA GLY A 295 18.32 -3.32 10.63
C GLY A 295 17.39 -4.01 9.66
N PHE A 296 17.57 -3.70 8.38
CA PHE A 296 16.75 -4.33 7.32
C PHE A 296 16.86 -5.84 7.43
N ARG A 297 18.03 -6.27 7.89
CA ARG A 297 18.40 -7.70 7.84
C ARG A 297 17.62 -8.43 8.89
N GLU A 298 17.18 -7.67 9.89
CA GLU A 298 16.47 -8.23 11.04
C GLU A 298 14.97 -8.27 10.84
N VAL A 299 14.46 -7.35 10.04
CA VAL A 299 13.01 -7.13 9.93
C VAL A 299 12.41 -7.57 8.58
N SER A 300 13.28 -7.67 7.59
CA SER A 300 12.86 -7.93 6.21
C SER A 300 12.50 -9.37 5.92
N PHE A 301 11.54 -9.51 5.02
CA PHE A 301 11.20 -10.82 4.48
C PHE A 301 12.43 -11.39 3.77
N TYR A 302 13.10 -10.48 3.09
CA TYR A 302 14.23 -10.81 2.22
C TYR A 302 15.30 -11.60 2.97
N TYR A 303 15.62 -11.13 4.16
CA TYR A 303 16.70 -11.72 4.96
C TYR A 303 16.20 -12.81 5.91
N SER A 304 14.92 -13.08 5.85
CA SER A 304 14.30 -14.07 6.73
C SER A 304 14.42 -15.52 6.23
N GLU A 305 14.15 -16.43 7.14
CA GLU A 305 14.12 -17.87 6.80
C GLU A 305 12.94 -18.20 5.89
N GLU A 306 12.01 -17.28 5.77
CA GLU A 306 10.80 -17.53 4.97
C GLU A 306 11.08 -17.33 3.48
N ASN A 307 12.10 -16.52 3.24
CA ASN A 307 12.53 -16.26 1.88
C ASN A 307 13.46 -17.38 1.48
N LYS A 308 12.79 -18.43 0.98
CA LYS A 308 13.44 -19.65 0.46
C LYS A 308 13.01 -19.90 -0.98
C1 GD5 B . -2.67 9.07 10.83
C2 GD5 B . -3.19 8.64 9.52
C3 GD5 B . -3.36 7.40 8.96
C4 GD5 B . -3.91 7.60 7.66
N1 GD5 B . -4.09 8.91 7.44
N2 GD5 B . -3.65 9.50 8.56
C5 GD5 B . -3.68 10.95 8.72
C6 GD5 B . -2.57 11.61 7.97
C7 GD5 B . -2.64 13.10 8.18
N3 GD5 B . -3.93 13.50 7.54
C8 GD5 B . -5.08 12.99 8.30
C9 GD5 B . -5.04 11.47 8.30
N4 GD5 B . -3.02 6.26 9.59
C10 GD5 B . -3.69 5.06 9.39
N5 GD5 B . -3.13 3.98 9.92
C11 GD5 B . -3.78 2.83 9.73
C12 GD5 B . -4.94 2.77 9.01
C13 GD5 B . -5.44 3.95 8.50
N6 GD5 B . -4.83 5.10 8.68
C14 GD5 B . -6.71 4.02 7.71
C15 GD5 B . -7.37 2.96 7.12
N7 GD5 B . -8.46 3.52 6.48
C16 GD5 B . -8.49 4.85 6.64
N8 GD5 B . -7.46 5.17 7.40
C17 GD5 B . -7.20 6.47 7.78
C18 GD5 B . -8.03 7.43 7.34
C19 GD5 B . -9.18 7.16 6.51
C20 GD5 B . -9.43 5.88 6.15
CL GD5 B . -5.64 1.22 8.85
#